data_3R8E
#
_entry.id   3R8E
#
_cell.length_a   71.827
_cell.length_b   78.359
_cell.length_c   65.744
_cell.angle_alpha   90.000
_cell.angle_beta   90.000
_cell.angle_gamma   90.000
#
_symmetry.space_group_name_H-M   'P 21 21 2'
#
loop_
_entity.id
_entity.type
_entity.pdbx_description
1 polymer 'Hypothetical sugar kinase'
2 water water
#
_entity_poly.entity_id   1
_entity_poly.type   'polypeptide(L)'
_entity_poly.pdbx_seq_one_letter_code
;(MSE)GSDKIHHHHHHENLYFQG(MSE)ILGIDVGGTSVKFGLVTPEGEIQNATRF(MSE)TADWVNGIGFVES(MSE)K
LEIGNFLKQYPIVKGVGIGWPGLVSLDRTKVILLPNIPSVVNVPIVEILRSEFPHIHFKIENDAKCAALGEYYFGENKR
(MSE)QTFILLALGTGVGSGV(MSE)(MSE)NGKLFIGGRGNGTEVGH(MSE)LTTRGKSLENQVGINHLIAYTHEQLAL
DVAKKSSLHTIAELSPKVIADHAAQGDALALAVWADIGTIIGESLVNIVRV(MSE)DLNNILLGGGISGAFDYFVPNLKK
A(MSE)LEHLPTYYTDD(MSE)YIGKATLENDAGLLGAAGLI(MSE)EAI
;
_entity_poly.pdbx_strand_id   A
#
# COMPACT_ATOMS: atom_id res chain seq x y z
N GLY A 19 -5.63 -7.82 -23.46
CA GLY A 19 -4.62 -8.82 -23.15
C GLY A 19 -4.15 -8.83 -21.71
N MSE A 20 -3.35 -9.86 -21.35
CA MSE A 20 -2.79 -10.05 -20.00
CA MSE A 20 -2.78 -10.05 -20.01
C MSE A 20 -1.70 -9.02 -19.72
O MSE A 20 -0.87 -8.75 -20.58
CB MSE A 20 -2.25 -11.48 -19.82
CB MSE A 20 -2.22 -11.47 -19.84
CG MSE A 20 -3.30 -12.57 -20.00
CG MSE A 20 -3.25 -12.58 -20.06
SE MSE A 20 -2.97 -14.14 -18.88
SE MSE A 20 -4.75 -12.49 -18.82
CE MSE A 20 -3.68 -13.45 -17.23
CE MSE A 20 -5.94 -13.75 -19.72
N ILE A 21 -1.71 -8.45 -18.50
CA ILE A 21 -0.74 -7.44 -18.08
C ILE A 21 0.00 -7.94 -16.82
N LEU A 22 1.32 -7.68 -16.73
CA LEU A 22 2.09 -8.03 -15.54
C LEU A 22 2.02 -6.89 -14.53
N GLY A 23 1.50 -7.21 -13.36
CA GLY A 23 1.42 -6.28 -12.24
C GLY A 23 2.47 -6.66 -11.21
N ILE A 24 3.18 -5.66 -10.69
CA ILE A 24 4.23 -5.86 -9.69
C ILE A 24 3.95 -4.95 -8.50
N ASP A 25 3.91 -5.51 -7.29
CA ASP A 25 3.71 -4.75 -6.08
C ASP A 25 4.95 -4.91 -5.20
N VAL A 26 5.83 -3.91 -5.25
CA VAL A 26 7.10 -3.88 -4.52
C VAL A 26 6.81 -3.52 -3.06
N GLY A 27 7.28 -4.37 -2.14
N GLY A 27 7.49 -4.20 -2.15
CA GLY A 27 7.06 -4.23 -0.70
CA GLY A 27 7.47 -3.94 -0.72
C GLY A 27 8.29 -4.45 0.18
C GLY A 27 8.90 -3.90 -0.22
N GLY A 28 8.20 -3.99 1.43
N GLY A 28 9.09 -3.39 0.99
CA GLY A 28 9.26 -4.05 2.43
CA GLY A 28 10.40 -3.29 1.63
C GLY A 28 9.65 -5.44 2.93
C GLY A 28 11.02 -4.65 1.94
N THR A 29 8.67 -6.33 3.10
N THR A 29 10.18 -5.69 2.08
CA THR A 29 8.88 -7.70 3.58
CA THR A 29 10.60 -7.06 2.40
C THR A 29 8.83 -8.69 2.39
C THR A 29 10.44 -7.98 1.17
N SER A 30 7.88 -8.50 1.46
N SER A 30 9.26 -7.95 0.51
CA SER A 30 7.71 -9.35 0.28
CA SER A 30 8.97 -8.83 -0.64
C SER A 30 7.41 -8.56 -0.99
C SER A 30 8.44 -8.06 -1.86
N VAL A 31 7.91 -9.04 -2.14
N VAL A 31 8.54 -8.69 -3.06
CA VAL A 31 7.71 -8.44 -3.48
CA VAL A 31 8.08 -8.11 -4.32
C VAL A 31 6.74 -9.38 -4.20
C VAL A 31 7.08 -9.11 -4.98
N LYS A 32 5.76 -8.80 -4.93
CA LYS A 32 4.72 -9.63 -5.56
C LYS A 32 4.58 -9.38 -7.06
N PHE A 33 4.48 -10.48 -7.83
CA PHE A 33 4.31 -10.55 -9.27
C PHE A 33 3.01 -11.27 -9.60
N GLY A 34 2.31 -10.83 -10.64
CA GLY A 34 1.09 -11.50 -11.05
C GLY A 34 0.59 -11.07 -12.41
N LEU A 35 0.01 -12.02 -13.14
CA LEU A 35 -0.59 -11.75 -14.44
C LEU A 35 -2.05 -11.41 -14.21
N VAL A 36 -2.45 -10.20 -14.60
CA VAL A 36 -3.80 -9.71 -14.35
C VAL A 36 -4.67 -9.76 -15.61
N THR A 37 -5.88 -10.33 -15.46
CA THR A 37 -6.90 -10.45 -16.51
C THR A 37 -7.76 -9.16 -16.56
N PRO A 38 -8.52 -8.88 -17.64
CA PRO A 38 -9.38 -7.67 -17.64
C PRO A 38 -10.50 -7.71 -16.58
N GLU A 39 -10.82 -8.90 -16.02
CA GLU A 39 -11.85 -9.04 -14.98
C GLU A 39 -11.26 -8.95 -13.54
N GLY A 40 -9.94 -8.80 -13.44
CA GLY A 40 -9.26 -8.65 -12.16
C GLY A 40 -8.80 -9.92 -11.49
N GLU A 41 -8.60 -10.99 -12.26
CA GLU A 41 -8.10 -12.26 -11.74
C GLU A 41 -6.57 -12.23 -11.81
N ILE A 42 -5.90 -12.72 -10.76
CA ILE A 42 -4.43 -12.79 -10.71
C ILE A 42 -4.03 -14.23 -11.01
N GLN A 43 -3.21 -14.41 -12.06
CA GLN A 43 -2.68 -15.71 -12.48
C GLN A 43 -1.19 -15.76 -12.24
N ASN A 44 -0.69 -16.95 -11.84
CA ASN A 44 0.73 -17.24 -11.57
C ASN A 44 1.33 -16.25 -10.54
N ALA A 45 0.61 -16.04 -9.41
CA ALA A 45 1.05 -15.14 -8.33
C ALA A 45 2.37 -15.67 -7.75
N THR A 46 3.45 -14.87 -7.87
N THR A 46 3.46 -14.87 -7.88
CA THR A 46 4.75 -15.26 -7.34
CA THR A 46 4.82 -15.21 -7.43
C THR A 46 5.19 -14.25 -6.29
C THR A 46 5.45 -14.06 -6.62
N ARG A 47 5.44 -14.74 -5.06
N ARG A 47 6.40 -14.40 -5.71
CA ARG A 47 5.89 -13.93 -3.93
CA ARG A 47 7.14 -13.47 -4.83
C ARG A 47 7.37 -14.19 -3.64
C ARG A 47 8.65 -13.64 -5.03
N PHE A 48 8.15 -13.11 -3.56
N PHE A 48 9.43 -12.55 -4.86
CA PHE A 48 9.59 -13.18 -3.26
CA PHE A 48 10.88 -12.61 -5.04
C PHE A 48 9.89 -12.44 -1.98
C PHE A 48 11.69 -12.15 -3.83
N MSE A 49 10.80 -12.97 -1.15
N MSE A 49 11.23 -11.11 -3.12
CA MSE A 49 11.18 -12.31 0.10
CA MSE A 49 11.86 -10.50 -1.93
C MSE A 49 12.13 -11.15 -0.23
C MSE A 49 13.10 -9.67 -2.27
O MSE A 49 13.14 -11.36 -0.91
O MSE A 49 13.98 -10.10 -3.01
CB MSE A 49 11.82 -13.28 1.10
CB MSE A 49 12.21 -11.54 -0.84
CG MSE A 49 10.88 -14.42 1.54
CG MSE A 49 11.00 -12.19 -0.21
SE MSE A 49 9.08 -13.81 1.99
SE MSE A 49 11.44 -13.06 1.47
CE MSE A 49 9.47 -12.81 3.63
CE MSE A 49 12.47 -14.58 0.78
N THR A 50 11.80 -9.92 0.22
N THR A 50 13.16 -8.46 -1.66
CA THR A 50 12.58 -8.70 -0.01
CA THR A 50 14.24 -7.49 -1.82
C THR A 50 13.96 -8.85 0.66
C THR A 50 15.55 -7.96 -1.14
N ALA A 51 14.00 -9.50 1.84
N ALA A 51 15.45 -8.91 -0.19
CA ALA A 51 15.22 -9.80 2.61
CA ALA A 51 16.57 -9.48 0.57
C ALA A 51 16.19 -10.63 1.75
C ALA A 51 17.51 -10.35 -0.29
N ASP A 52 15.67 -11.67 1.05
N ASP A 52 17.17 -10.53 -1.59
CA ASP A 52 16.43 -12.55 0.16
CA ASP A 52 17.96 -11.29 -2.57
C ASP A 52 16.97 -11.78 -1.06
C ASP A 52 18.27 -10.43 -3.80
N TRP A 53 16.23 -10.77 -1.52
N TRP A 53 17.35 -9.50 -4.14
CA TRP A 53 16.62 -9.93 -2.66
CA TRP A 53 17.46 -8.59 -5.27
C TRP A 53 17.78 -9.00 -2.27
C TRP A 53 18.54 -7.52 -5.07
N VAL A 54 17.65 -8.27 -1.15
N VAL A 54 18.48 -6.76 -3.97
CA VAL A 54 18.65 -7.32 -0.63
CA VAL A 54 19.44 -5.69 -3.66
C VAL A 54 19.92 -8.11 -0.22
C VAL A 54 20.78 -6.29 -3.24
N ASN A 55 19.76 -9.25 0.49
N ASN A 55 20.82 -7.00 -2.08
CA ASN A 55 20.87 -10.09 0.91
CA ASN A 55 22.05 -7.61 -1.58
C ASN A 55 21.20 -11.11 -0.20
C ASN A 55 22.21 -8.99 -2.24
N GLY A 56 22.03 -10.68 -1.15
N GLY A 56 22.88 -8.99 -3.38
CA GLY A 56 22.44 -11.49 -2.28
CA GLY A 56 23.12 -10.20 -4.15
C GLY A 56 22.95 -10.65 -3.44
C GLY A 56 23.31 -10.00 -5.64
N ILE A 57 22.27 -10.74 -4.60
N ILE A 57 22.55 -9.07 -6.27
CA ILE A 57 22.64 -10.03 -5.82
CA ILE A 57 22.62 -8.84 -7.74
C ILE A 57 22.11 -8.56 -5.82
C ILE A 57 22.28 -7.37 -8.16
N GLY A 58 21.25 -8.22 -4.87
N GLY A 58 21.69 -6.58 -7.26
CA GLY A 58 20.69 -6.87 -4.76
CA GLY A 58 21.28 -5.21 -7.55
C GLY A 58 19.25 -6.79 -5.23
C GLY A 58 19.85 -5.17 -8.06
N PHE A 59 18.57 -5.70 -4.86
N PHE A 59 19.00 -4.31 -7.45
CA PHE A 59 17.17 -5.48 -5.20
CA PHE A 59 17.58 -4.17 -7.75
C PHE A 59 16.94 -5.30 -6.71
C PHE A 59 17.25 -3.97 -9.23
N VAL A 60 17.68 -4.36 -7.36
N VAL A 60 17.89 -2.98 -9.90
CA VAL A 60 17.51 -4.05 -8.78
CA VAL A 60 17.62 -2.64 -11.31
C VAL A 60 17.90 -5.26 -9.67
C VAL A 60 17.88 -3.87 -12.22
N GLU A 61 18.97 -6.00 -9.32
N GLU A 61 19.06 -4.49 -12.09
CA GLU A 61 19.41 -7.19 -10.07
CA GLU A 61 19.47 -5.68 -12.85
C GLU A 61 18.36 -8.31 -9.99
C GLU A 61 18.49 -6.85 -12.58
N SER A 62 17.79 -8.51 -8.79
N SER A 62 18.08 -7.04 -11.30
CA SER A 62 16.74 -9.50 -8.55
CA SER A 62 17.17 -8.12 -10.91
C SER A 62 15.45 -9.15 -9.29
C SER A 62 15.78 -7.89 -11.51
N MSE A 63 15.12 -7.84 -9.37
N MSE A 63 15.32 -6.62 -11.52
CA MSE A 63 13.93 -7.34 -10.06
CA MSE A 63 14.03 -6.24 -12.11
C MSE A 63 14.04 -7.61 -11.58
C MSE A 63 14.02 -6.56 -13.61
O MSE A 63 13.10 -8.16 -12.13
O MSE A 63 13.11 -7.25 -14.06
CB MSE A 63 13.71 -5.84 -9.77
CB MSE A 63 13.72 -4.77 -11.84
CG MSE A 63 12.75 -5.17 -10.75
CG MSE A 63 12.52 -4.26 -12.63
SE MSE A 63 11.72 -3.70 -10.01
SE MSE A 63 11.61 -2.76 -11.84
CE MSE A 63 11.49 -2.69 -11.67
CE MSE A 63 10.72 -3.69 -10.35
N LYS A 64 15.18 -7.24 -12.22
N LYS A 64 15.04 -6.10 -14.36
CA LYS A 64 15.35 -7.46 -13.67
CA LYS A 64 15.20 -6.35 -15.79
C LYS A 64 15.37 -8.97 -13.99
C LYS A 64 15.17 -7.84 -16.12
N LEU A 65 15.93 -9.79 -13.08
N LEU A 65 15.91 -8.64 -15.32
CA LEU A 65 15.98 -11.25 -13.23
CA LEU A 65 16.01 -10.10 -15.46
C LEU A 65 14.56 -11.85 -13.19
C LEU A 65 14.68 -10.77 -15.15
N GLU A 66 13.75 -11.49 -12.18
N GLU A 66 14.07 -10.48 -13.98
CA GLU A 66 12.40 -12.03 -12.03
CA GLU A 66 12.82 -11.14 -13.57
C GLU A 66 11.40 -11.50 -13.07
C GLU A 66 11.62 -10.71 -14.41
N ILE A 67 11.63 -10.27 -13.63
N ILE A 67 11.57 -9.43 -14.85
CA ILE A 67 10.80 -9.70 -14.70
CA ILE A 67 10.50 -8.97 -15.75
C ILE A 67 11.09 -10.48 -16.00
C ILE A 67 10.66 -9.79 -17.04
N GLY A 68 12.37 -10.64 -16.31
N GLY A 68 11.88 -9.84 -17.58
CA GLY A 68 12.85 -11.37 -17.48
CA GLY A 68 12.24 -10.62 -18.74
C GLY A 68 12.30 -12.77 -17.56
C GLY A 68 11.93 -12.10 -18.61
N ASN A 69 12.23 -13.46 -16.40
N ASN A 69 12.20 -12.68 -17.42
CA ASN A 69 11.71 -14.82 -16.29
CA ASN A 69 11.94 -14.10 -17.11
C ASN A 69 10.20 -14.87 -16.57
C ASN A 69 10.44 -14.39 -17.09
N PHE A 70 9.47 -13.76 -16.30
N PHE A 70 9.64 -13.45 -16.54
CA PHE A 70 8.02 -13.67 -16.51
CA PHE A 70 8.18 -13.58 -16.51
C PHE A 70 7.65 -13.45 -17.99
C PHE A 70 7.67 -13.40 -17.94
N LEU A 71 8.31 -12.49 -18.70
CA LEU A 71 8.02 -12.21 -20.11
C LEU A 71 8.38 -13.40 -21.01
N LYS A 72 9.37 -14.24 -20.60
CA LYS A 72 9.80 -15.45 -21.31
C LYS A 72 8.68 -16.51 -21.27
N GLN A 73 7.96 -16.59 -20.12
CA GLN A 73 6.83 -17.48 -19.88
C GLN A 73 5.56 -17.03 -20.58
N TYR A 74 5.38 -15.70 -20.71
CA TYR A 74 4.20 -15.08 -21.31
C TYR A 74 4.63 -14.09 -22.40
N PRO A 75 4.86 -14.59 -23.64
CA PRO A 75 5.36 -13.70 -24.71
C PRO A 75 4.31 -12.73 -25.28
N ILE A 76 3.03 -12.91 -24.94
CA ILE A 76 1.93 -12.05 -25.41
C ILE A 76 1.78 -10.79 -24.54
N VAL A 77 2.40 -10.78 -23.34
CA VAL A 77 2.36 -9.63 -22.41
C VAL A 77 3.03 -8.43 -23.09
N LYS A 78 2.32 -7.29 -23.13
CA LYS A 78 2.77 -6.06 -23.78
C LYS A 78 2.93 -4.91 -22.78
N GLY A 79 2.49 -5.11 -21.54
CA GLY A 79 2.56 -4.09 -20.50
C GLY A 79 2.95 -4.58 -19.12
N VAL A 80 3.73 -3.75 -18.40
CA VAL A 80 4.20 -4.03 -17.03
C VAL A 80 3.99 -2.78 -16.16
N GLY A 81 3.11 -2.91 -15.16
CA GLY A 81 2.83 -1.84 -14.20
C GLY A 81 3.46 -2.17 -12.86
N ILE A 82 4.17 -1.20 -12.24
CA ILE A 82 4.87 -1.46 -10.98
C ILE A 82 4.50 -0.42 -9.92
N GLY A 83 4.08 -0.90 -8.75
CA GLY A 83 3.76 -0.08 -7.58
C GLY A 83 4.94 -0.04 -6.65
N TRP A 84 5.30 1.15 -6.12
CA TRP A 84 6.49 1.31 -5.30
C TRP A 84 6.19 1.81 -3.86
N PRO A 85 6.85 1.18 -2.82
N PRO A 85 6.95 1.35 -2.82
CA PRO A 85 6.54 1.51 -1.42
CA PRO A 85 6.73 1.90 -1.49
C PRO A 85 7.28 2.73 -0.87
C PRO A 85 7.62 3.14 -1.30
N GLY A 86 7.07 3.86 -1.51
N GLY A 86 7.38 4.17 -2.11
CA GLY A 86 7.70 5.10 -1.12
CA GLY A 86 8.17 5.41 -2.06
C GLY A 86 7.44 6.21 -2.10
C GLY A 86 7.74 6.54 -2.98
N LEU A 87 8.40 7.14 -2.19
N LEU A 87 8.68 7.46 -3.23
CA LEU A 87 8.29 8.29 -3.07
CA LEU A 87 8.48 8.69 -4.03
C LEU A 87 8.82 7.95 -4.46
C LEU A 87 8.75 8.48 -5.52
N VAL A 88 8.08 8.40 -5.48
N VAL A 88 7.88 9.05 -6.37
CA VAL A 88 8.41 8.23 -6.90
CA VAL A 88 7.98 8.98 -7.84
C VAL A 88 8.49 9.62 -7.54
C VAL A 88 7.80 10.40 -8.44
N SER A 89 9.31 9.79 -8.58
N SER A 89 8.48 10.67 -9.58
CA SER A 89 9.45 11.09 -9.26
CA SER A 89 8.43 11.97 -10.26
C SER A 89 8.16 11.48 -9.98
C SER A 89 7.03 12.31 -10.78
N LEU A 90 7.96 12.80 -10.19
N LEU A 90 6.72 13.63 -10.89
CA LEU A 90 6.78 13.38 -10.84
CA LEU A 90 5.42 14.15 -11.35
C LEU A 90 6.60 12.85 -12.28
C LEU A 90 5.04 13.65 -12.76
N ASP A 91 7.71 12.66 -13.03
N ASP A 91 6.02 13.60 -13.69
CA ASP A 91 7.68 12.15 -14.41
CA ASP A 91 5.81 13.13 -15.07
C ASP A 91 7.42 10.63 -14.44
C ASP A 91 5.70 11.59 -15.15
N ARG A 92 7.41 9.99 -13.25
N ARG A 92 5.98 10.91 -14.02
CA ARG A 92 7.17 8.57 -13.02
CA ARG A 92 5.93 9.46 -13.80
C ARG A 92 8.20 7.72 -13.77
C ARG A 92 6.90 8.69 -14.72
N THR A 93 9.47 8.08 -13.62
N THR A 93 8.18 9.12 -14.73
CA THR A 93 10.57 7.33 -14.22
CA THR A 93 9.22 8.47 -15.55
C THR A 93 11.53 6.88 -13.12
C THR A 93 10.37 7.97 -14.67
N LYS A 94 11.60 7.63 -12.00
N LYS A 94 10.46 8.47 -13.41
CA LYS A 94 12.53 7.36 -10.90
CA LYS A 94 11.57 8.15 -12.51
C LYS A 94 11.88 6.94 -9.58
C LYS A 94 11.10 7.81 -11.08
N VAL A 95 12.60 6.08 -8.83
N VAL A 95 11.85 6.92 -10.40
CA VAL A 95 12.25 5.63 -7.49
CA VAL A 95 11.67 6.62 -8.98
C VAL A 95 13.11 6.47 -6.55
C VAL A 95 12.60 7.58 -8.24
N ILE A 96 12.50 7.41 -5.82
N ILE A 96 12.04 8.47 -7.38
CA ILE A 96 13.25 8.33 -4.95
CA ILE A 96 12.86 9.44 -6.64
C ILE A 96 13.75 7.59 -3.69
C ILE A 96 13.56 8.73 -5.47
N LEU A 97 12.85 7.19 -2.77
N LEU A 97 12.80 8.17 -4.50
CA LEU A 97 13.26 6.50 -1.54
CA LEU A 97 13.41 7.55 -3.31
C LEU A 97 12.14 5.63 -0.97
C LEU A 97 12.51 6.48 -2.70
N LEU A 98 12.54 4.50 -0.36
N LEU A 98 13.12 5.38 -2.22
CA LEU A 98 11.65 3.54 0.30
CA LEU A 98 12.42 4.29 -1.53
C LEU A 98 12.09 3.40 1.76
C LEU A 98 13.03 4.18 -0.12
N PRO A 99 11.26 3.79 2.77
N PRO A 99 12.28 4.56 0.95
CA PRO A 99 11.71 3.73 4.17
CA PRO A 99 12.86 4.55 2.31
C PRO A 99 12.05 2.32 4.69
C PRO A 99 13.26 3.17 2.85
N ASN A 100 11.57 1.26 4.02
N ASN A 100 12.60 2.09 2.40
CA ASN A 100 11.83 -0.13 4.40
CA ASN A 100 12.89 0.74 2.87
C ASN A 100 12.96 -0.76 3.55
C ASN A 100 13.83 -0.05 1.93
N ILE A 101 13.28 -0.16 2.37
N ILE A 101 14.28 0.58 0.82
CA ILE A 101 14.34 -0.63 1.45
CA ILE A 101 15.19 -0.05 -0.14
C ILE A 101 15.29 0.56 1.14
C ILE A 101 16.55 0.69 -0.04
N PRO A 102 16.47 0.65 1.78
N PRO A 102 17.69 -0.03 0.13
CA PRO A 102 17.36 1.82 1.58
CA PRO A 102 19.00 0.66 0.27
C PRO A 102 17.93 2.03 0.16
C PRO A 102 19.42 1.51 -0.93
N SER A 103 17.76 1.07 -0.76
N SER A 103 18.88 1.21 -2.13
CA SER A 103 18.27 1.16 -2.14
CA SER A 103 19.18 1.95 -3.35
C SER A 103 17.30 1.98 -3.06
C SER A 103 18.44 3.29 -3.36
N VAL A 104 17.58 2.01 -4.39
N VAL A 104 19.21 4.37 -3.13
CA VAL A 104 16.88 2.70 -5.50
CA VAL A 104 18.70 5.75 -3.12
C VAL A 104 16.66 4.21 -5.26
C VAL A 104 18.78 6.30 -4.55
N VAL A 105 17.54 5.05 -5.86
N VAL A 105 17.67 6.94 -5.02
CA VAL A 105 17.50 6.52 -5.78
CA VAL A 105 17.46 7.57 -6.33
C VAL A 105 17.69 7.10 -7.19
C VAL A 105 17.90 6.61 -7.49
N ASN A 106 16.78 8.01 -7.63
N ASN A 106 17.15 5.50 -7.65
CA ASN A 106 16.79 8.71 -8.93
CA ASN A 106 17.42 4.50 -8.68
C ASN A 106 17.11 7.75 -10.11
C ASN A 106 16.95 5.03 -10.04
N VAL A 107 16.32 6.67 -10.22
N VAL A 107 17.94 5.37 -10.90
CA VAL A 107 16.51 5.60 -11.23
CA VAL A 107 17.92 5.92 -12.27
C VAL A 107 15.53 5.82 -12.39
C VAL A 107 16.59 5.61 -13.03
N PRO A 108 15.96 6.06 -13.65
N PRO A 108 15.96 6.64 -13.70
CA PRO A 108 14.98 6.25 -14.74
CA PRO A 108 14.66 6.43 -14.39
C PRO A 108 14.48 4.89 -15.25
C PRO A 108 14.48 5.05 -15.02
N ILE A 109 13.76 4.17 -14.37
N ILE A 109 13.68 4.20 -14.36
CA ILE A 109 13.27 2.80 -14.58
CA ILE A 109 13.50 2.82 -14.79
C ILE A 109 12.38 2.64 -15.84
C ILE A 109 12.53 2.70 -15.99
N VAL A 110 11.58 3.66 -16.20
CA VAL A 110 10.70 3.61 -17.39
C VAL A 110 11.59 3.63 -18.66
N GLU A 111 12.62 4.49 -18.69
CA GLU A 111 13.58 4.61 -19.79
C GLU A 111 14.49 3.36 -19.93
N ILE A 112 14.97 2.77 -18.79
N ILE A 112 14.95 2.79 -18.78
CA ILE A 112 15.88 1.62 -18.85
CA ILE A 112 15.82 1.60 -18.70
C ILE A 112 15.13 0.32 -19.24
C ILE A 112 15.09 0.38 -19.28
N LEU A 113 13.86 0.13 -18.79
CA LEU A 113 13.05 -1.03 -19.17
C LEU A 113 12.54 -0.87 -20.61
N ARG A 114 12.27 0.38 -21.06
CA ARG A 114 11.82 0.67 -22.43
C ARG A 114 12.94 0.40 -23.43
N SER A 115 14.20 0.67 -23.05
CA SER A 115 15.39 0.42 -23.89
C SER A 115 15.66 -1.08 -23.99
N GLU A 116 15.45 -1.82 -22.87
CA GLU A 116 15.66 -3.26 -22.78
C GLU A 116 14.54 -4.03 -23.54
N PHE A 117 13.28 -3.63 -23.30
CA PHE A 117 12.09 -4.22 -23.90
C PHE A 117 11.31 -3.12 -24.68
N PRO A 118 11.75 -2.73 -25.91
CA PRO A 118 11.05 -1.63 -26.64
C PRO A 118 9.64 -1.98 -27.13
N HIS A 119 9.32 -3.28 -27.19
CA HIS A 119 8.02 -3.78 -27.62
C HIS A 119 6.99 -3.76 -26.46
N ILE A 120 7.44 -3.50 -25.21
CA ILE A 120 6.58 -3.48 -24.02
C ILE A 120 6.49 -2.08 -23.40
N HIS A 121 5.24 -1.64 -23.11
CA HIS A 121 4.95 -0.35 -22.46
C HIS A 121 5.08 -0.52 -20.94
N PHE A 122 5.84 0.37 -20.28
CA PHE A 122 6.07 0.32 -18.84
C PHE A 122 5.52 1.55 -18.12
N LYS A 123 4.95 1.36 -16.92
CA LYS A 123 4.39 2.43 -16.09
C LYS A 123 4.65 2.17 -14.61
N ILE A 124 4.94 3.24 -13.84
CA ILE A 124 5.22 3.16 -12.40
C ILE A 124 4.34 4.15 -11.63
N GLU A 125 4.09 3.84 -10.35
CA GLU A 125 3.26 4.63 -9.44
C GLU A 125 3.55 4.23 -8.00
N ASN A 126 3.14 5.07 -7.04
CA ASN A 126 3.23 4.74 -5.62
C ASN A 126 2.26 3.59 -5.33
N ASP A 127 2.68 2.61 -4.51
CA ASP A 127 1.88 1.41 -4.23
C ASP A 127 0.55 1.68 -3.52
N ALA A 128 0.48 2.66 -2.59
CA ALA A 128 -0.77 2.98 -1.90
C ALA A 128 -1.78 3.63 -2.86
N LYS A 129 -1.27 4.40 -3.85
CA LYS A 129 -2.09 4.99 -4.90
C LYS A 129 -2.58 3.88 -5.84
N CYS A 130 -1.69 2.91 -6.14
CA CYS A 130 -2.05 1.73 -6.96
C CYS A 130 -3.23 1.01 -6.33
N ALA A 131 -3.18 0.79 -5.00
CA ALA A 131 -4.25 0.08 -4.29
C ALA A 131 -5.60 0.79 -4.48
N ALA A 132 -5.63 2.14 -4.45
CA ALA A 132 -6.88 2.89 -4.70
C ALA A 132 -7.35 2.65 -6.13
N LEU A 133 -6.40 2.68 -7.11
CA LEU A 133 -6.72 2.43 -8.52
C LEU A 133 -7.24 0.99 -8.72
N GLY A 134 -6.70 0.04 -7.95
CA GLY A 134 -7.14 -1.35 -7.97
C GLY A 134 -8.59 -1.49 -7.54
N GLU A 135 -8.94 -0.79 -6.45
CA GLU A 135 -10.31 -0.76 -5.91
C GLU A 135 -11.25 -0.09 -6.91
N TYR A 136 -10.77 0.98 -7.58
CA TYR A 136 -11.53 1.72 -8.57
C TYR A 136 -11.88 0.85 -9.78
N TYR A 137 -10.96 0.00 -10.24
CA TYR A 137 -11.26 -0.82 -11.42
C TYR A 137 -11.90 -2.16 -11.11
N PHE A 138 -11.57 -2.78 -9.96
CA PHE A 138 -11.99 -4.16 -9.73
C PHE A 138 -12.72 -4.45 -8.41
N GLY A 139 -12.77 -3.48 -7.49
CA GLY A 139 -13.42 -3.68 -6.20
C GLY A 139 -14.93 -3.71 -6.20
N GLU A 140 -15.52 -3.89 -4.99
CA GLU A 140 -16.97 -3.93 -4.78
C GLU A 140 -17.61 -2.53 -4.93
N ASN A 141 -16.79 -1.48 -5.03
CA ASN A 141 -17.28 -0.12 -5.27
C ASN A 141 -16.57 0.42 -6.50
N LYS A 142 -16.33 -0.47 -7.50
CA LYS A 142 -15.65 -0.11 -8.73
C LYS A 142 -16.35 1.06 -9.43
N ARG A 143 -15.54 1.97 -9.98
CA ARG A 143 -15.91 3.18 -10.72
C ARG A 143 -16.49 4.29 -9.82
N MSE A 144 -16.47 4.10 -8.48
CA MSE A 144 -16.82 5.16 -7.53
C MSE A 144 -15.83 6.29 -7.82
O MSE A 144 -14.62 6.03 -7.79
CB MSE A 144 -16.72 4.64 -6.09
CG MSE A 144 -17.09 5.68 -5.04
SE MSE A 144 -17.45 4.85 -3.32
CE MSE A 144 -15.79 4.05 -2.93
N GLN A 145 -16.32 7.47 -8.20
CA GLN A 145 -15.47 8.53 -8.73
C GLN A 145 -14.56 9.22 -7.72
N THR A 146 -15.05 9.49 -6.50
CA THR A 146 -14.28 10.25 -5.52
C THR A 146 -14.28 9.52 -4.18
N PHE A 147 -13.10 9.01 -3.78
CA PHE A 147 -12.97 8.29 -2.50
C PHE A 147 -11.54 8.21 -2.05
N ILE A 148 -11.37 7.86 -0.77
CA ILE A 148 -10.06 7.56 -0.18
C ILE A 148 -10.06 6.10 0.23
N LEU A 149 -8.95 5.40 -0.07
CA LEU A 149 -8.71 4.06 0.41
C LEU A 149 -7.67 4.18 1.49
N LEU A 150 -8.01 3.82 2.73
CA LEU A 150 -7.07 3.78 3.84
C LEU A 150 -6.67 2.34 4.07
N ALA A 151 -5.40 2.01 3.83
CA ALA A 151 -4.88 0.67 4.06
C ALA A 151 -4.21 0.66 5.43
N LEU A 152 -4.91 0.09 6.43
CA LEU A 152 -4.48 0.09 7.82
C LEU A 152 -3.72 -1.21 8.16
N GLY A 153 -2.41 -1.14 7.99
CA GLY A 153 -1.50 -2.25 8.26
C GLY A 153 -0.41 -1.84 9.22
N THR A 154 0.81 -2.38 9.03
CA THR A 154 1.99 -2.03 9.85
C THR A 154 2.22 -0.52 9.69
N GLY A 155 2.04 -0.05 8.46
CA GLY A 155 2.06 1.35 8.08
C GLY A 155 0.67 1.73 7.59
N VAL A 156 0.36 3.02 7.58
CA VAL A 156 -0.93 3.51 7.09
C VAL A 156 -0.69 4.08 5.71
N GLY A 157 -1.26 3.41 4.71
CA GLY A 157 -1.16 3.82 3.33
C GLY A 157 -2.48 4.38 2.86
N SER A 158 -2.45 5.29 1.88
CA SER A 158 -3.67 5.87 1.34
CA SER A 158 -3.68 5.87 1.34
C SER A 158 -3.52 6.22 -0.12
N GLY A 159 -4.64 6.12 -0.83
CA GLY A 159 -4.74 6.46 -2.24
C GLY A 159 -6.08 7.13 -2.41
N VAL A 160 -6.14 8.15 -3.28
CA VAL A 160 -7.40 8.87 -3.50
C VAL A 160 -7.74 8.95 -4.98
N MSE A 161 -8.99 8.63 -5.30
CA MSE A 161 -9.57 8.86 -6.62
C MSE A 161 -10.37 10.15 -6.49
O MSE A 161 -11.09 10.32 -5.51
CB MSE A 161 -10.48 7.70 -7.08
CG MSE A 161 -9.76 6.37 -7.24
SE MSE A 161 -8.33 6.36 -8.54
CE MSE A 161 -9.35 6.85 -10.12
N MSE A 162 -10.21 11.06 -7.45
CA MSE A 162 -10.96 12.31 -7.45
CA MSE A 162 -10.93 12.35 -7.46
C MSE A 162 -11.53 12.54 -8.83
O MSE A 162 -10.79 12.69 -9.81
CB MSE A 162 -10.10 13.50 -6.99
CB MSE A 162 -10.01 13.54 -7.09
CG MSE A 162 -10.89 14.77 -6.85
CG MSE A 162 -9.44 13.48 -5.68
SE MSE A 162 -9.93 16.06 -5.82
SE MSE A 162 -10.49 14.40 -4.30
CE MSE A 162 -10.22 15.25 -4.04
CE MSE A 162 -9.69 16.13 -4.47
N ASN A 163 -12.88 12.52 -8.93
CA ASN A 163 -13.65 12.68 -10.17
C ASN A 163 -13.14 11.66 -11.22
N GLY A 164 -12.90 10.42 -10.76
CA GLY A 164 -12.46 9.30 -11.60
C GLY A 164 -11.02 9.34 -12.06
N LYS A 165 -10.19 10.20 -11.44
CA LYS A 165 -8.76 10.33 -11.75
C LYS A 165 -7.95 10.14 -10.50
N LEU A 166 -6.81 9.44 -10.60
CA LEU A 166 -5.94 9.24 -9.45
C LEU A 166 -5.35 10.58 -9.00
N PHE A 167 -5.53 10.89 -7.70
CA PHE A 167 -4.98 12.12 -7.12
C PHE A 167 -3.51 11.89 -6.79
N ILE A 168 -2.64 12.72 -7.37
CA ILE A 168 -1.21 12.53 -7.15
C ILE A 168 -0.59 13.68 -6.34
N GLY A 169 -1.31 14.79 -6.19
CA GLY A 169 -0.81 15.94 -5.45
C GLY A 169 -0.05 16.89 -6.35
N GLY A 170 0.28 18.06 -5.82
CA GLY A 170 0.96 19.10 -6.58
C GLY A 170 2.31 18.70 -7.14
N ARG A 171 3.08 17.97 -6.34
CA ARG A 171 4.44 17.57 -6.75
C ARG A 171 4.56 16.06 -7.03
N GLY A 172 3.43 15.36 -7.09
CA GLY A 172 3.39 13.95 -7.47
C GLY A 172 3.39 12.89 -6.39
N ASN A 173 3.53 13.28 -5.11
CA ASN A 173 3.54 12.30 -4.02
C ASN A 173 2.57 12.69 -2.91
N GLY A 174 1.36 13.05 -3.31
CA GLY A 174 0.32 13.42 -2.36
C GLY A 174 -0.18 12.26 -1.52
N THR A 175 -1.10 12.58 -0.59
CA THR A 175 -1.83 11.68 0.32
C THR A 175 -0.92 10.70 1.08
N GLU A 176 0.10 11.24 1.76
CA GLU A 176 0.98 10.49 2.67
C GLU A 176 0.39 10.68 4.08
N VAL A 177 -0.85 10.18 4.27
CA VAL A 177 -1.66 10.45 5.47
C VAL A 177 -1.16 9.70 6.71
N GLY A 178 -0.39 8.63 6.53
CA GLY A 178 0.16 7.89 7.66
C GLY A 178 1.05 8.75 8.54
N HIS A 179 1.67 9.78 7.93
CA HIS A 179 2.60 10.66 8.62
C HIS A 179 1.96 11.97 9.13
N MSE A 180 0.63 12.10 9.02
CA MSE A 180 -0.07 13.26 9.57
C MSE A 180 0.01 13.28 11.09
O MSE A 180 0.07 12.20 11.71
CB MSE A 180 -1.55 13.27 9.14
CG MSE A 180 -1.74 13.57 7.68
SE MSE A 180 -3.62 13.34 7.24
CE MSE A 180 -4.23 15.07 7.69
N LEU A 181 0.01 14.47 11.69
CA LEU A 181 0.04 14.60 13.15
C LEU A 181 -1.37 14.44 13.71
N THR A 182 -1.48 13.72 14.84
CA THR A 182 -2.76 13.47 15.51
C THR A 182 -2.97 14.48 16.65
N THR A 183 -4.12 14.39 17.37
CA THR A 183 -4.42 15.24 18.54
C THR A 183 -3.54 14.84 19.75
N ARG A 184 -2.73 13.78 19.59
CA ARG A 184 -1.80 13.28 20.60
C ARG A 184 -0.37 13.78 20.31
N GLY A 185 -0.17 14.37 19.11
CA GLY A 185 1.11 14.90 18.67
C GLY A 185 1.95 13.94 17.85
N LYS A 186 1.71 12.63 18.01
CA LYS A 186 2.41 11.55 17.30
C LYS A 186 1.76 11.35 15.93
N SER A 187 2.46 10.70 14.98
CA SER A 187 1.90 10.48 13.65
C SER A 187 0.78 9.43 13.68
N LEU A 188 -0.12 9.47 12.68
CA LEU A 188 -1.25 8.54 12.57
C LEU A 188 -0.78 7.08 12.58
N GLU A 189 0.22 6.72 11.74
CA GLU A 189 0.67 5.32 11.72
C GLU A 189 1.43 4.91 12.99
N ASN A 190 1.98 5.88 13.77
CA ASN A 190 2.64 5.52 15.03
C ASN A 190 1.60 5.37 16.15
N GLN A 191 0.30 5.63 15.84
CA GLN A 191 -0.80 5.46 16.78
C GLN A 191 -1.66 4.25 16.42
N VAL A 192 -1.94 4.03 15.11
CA VAL A 192 -2.84 2.95 14.69
C VAL A 192 -2.16 1.83 13.87
N GLY A 193 -0.87 1.96 13.55
CA GLY A 193 -0.12 0.90 12.87
C GLY A 193 -0.13 -0.37 13.71
N ILE A 194 -0.18 -1.55 13.05
CA ILE A 194 -0.30 -2.87 13.68
C ILE A 194 0.59 -3.05 14.94
N ASN A 195 1.90 -2.76 14.83
CA ASN A 195 2.83 -2.92 15.97
C ASN A 195 2.49 -1.99 17.13
N HIS A 196 1.98 -0.79 16.82
CA HIS A 196 1.60 0.21 17.81
C HIS A 196 0.27 -0.15 18.46
N LEU A 197 -0.65 -0.79 17.69
CA LEU A 197 -1.93 -1.28 18.20
C LEU A 197 -1.67 -2.41 19.22
N ILE A 198 -0.73 -3.33 18.89
CA ILE A 198 -0.34 -4.46 19.76
C ILE A 198 0.29 -3.91 21.05
N ALA A 199 1.21 -2.93 20.92
CA ALA A 199 1.89 -2.32 22.08
C ALA A 199 0.90 -1.59 22.99
N TYR A 200 -0.11 -0.90 22.41
CA TYR A 200 -1.16 -0.21 23.15
C TYR A 200 -2.07 -1.21 23.87
N THR A 201 -2.39 -2.36 23.22
CA THR A 201 -3.21 -3.42 23.80
C THR A 201 -2.49 -4.01 25.04
N HIS A 202 -1.16 -4.24 24.95
CA HIS A 202 -0.34 -4.74 26.06
C HIS A 202 -0.32 -3.74 27.23
N GLU A 203 -0.31 -2.42 26.91
CA GLU A 203 -0.32 -1.34 27.89
C GLU A 203 -1.63 -1.33 28.68
N GLN A 204 -2.76 -1.55 27.99
CA GLN A 204 -4.09 -1.59 28.59
C GLN A 204 -4.26 -2.86 29.44
N LEU A 205 -3.66 -3.98 29.00
CA LEU A 205 -3.69 -5.26 29.72
C LEU A 205 -2.88 -5.15 31.03
N ALA A 206 -1.79 -4.35 31.01
CA ALA A 206 -0.95 -4.08 32.17
C ALA A 206 -1.70 -3.23 33.21
N LEU A 207 -2.58 -2.33 32.72
CA LEU A 207 -3.43 -1.46 33.56
C LEU A 207 -4.59 -2.27 34.14
N ASP A 208 -4.95 -3.40 33.50
CA ASP A 208 -6.01 -4.31 33.93
C ASP A 208 -5.45 -5.20 35.06
N VAL A 209 -5.33 -4.59 36.26
CA VAL A 209 -4.79 -5.22 37.47
C VAL A 209 -5.71 -6.35 38.00
N ALA A 210 -7.02 -6.25 37.76
CA ALA A 210 -8.01 -7.24 38.18
C ALA A 210 -8.01 -8.48 37.25
N LYS A 211 -7.32 -8.38 36.09
CA LYS A 211 -7.18 -9.42 35.05
C LYS A 211 -8.57 -9.85 34.50
N LYS A 212 -9.46 -8.86 34.32
CA LYS A 212 -10.83 -9.04 33.82
C LYS A 212 -10.85 -9.47 32.35
N SER A 213 -9.88 -9.01 31.55
CA SER A 213 -9.76 -9.30 30.12
C SER A 213 -9.40 -10.76 29.84
N SER A 214 -9.81 -11.25 28.66
CA SER A 214 -9.58 -12.60 28.14
C SER A 214 -8.34 -12.70 27.24
N LEU A 215 -7.74 -11.55 26.87
CA LEU A 215 -6.56 -11.51 26.00
C LEU A 215 -5.26 -11.96 26.70
N HIS A 216 -5.25 -11.99 28.05
CA HIS A 216 -4.10 -12.39 28.88
C HIS A 216 -3.57 -13.81 28.58
N THR A 217 -4.44 -14.71 28.08
CA THR A 217 -4.15 -16.12 27.78
C THR A 217 -3.24 -16.31 26.54
N ILE A 218 -3.51 -15.56 25.46
CA ILE A 218 -2.84 -15.64 24.15
C ILE A 218 -1.32 -15.41 24.24
N ALA A 219 -0.55 -16.22 23.47
CA ALA A 219 0.91 -16.17 23.37
C ALA A 219 1.40 -14.94 22.61
N GLU A 220 0.78 -14.64 21.45
CA GLU A 220 1.15 -13.50 20.61
C GLU A 220 -0.08 -12.76 20.10
N LEU A 221 -0.17 -11.46 20.42
CA LEU A 221 -1.28 -10.60 19.98
C LEU A 221 -1.16 -10.29 18.49
N SER A 222 -2.33 -10.08 17.86
CA SER A 222 -2.46 -9.74 16.44
C SER A 222 -3.82 -9.04 16.23
N PRO A 223 -4.03 -8.23 15.15
CA PRO A 223 -5.35 -7.59 14.97
C PRO A 223 -6.49 -8.61 14.97
N LYS A 224 -6.31 -9.76 14.29
CA LYS A 224 -7.29 -10.84 14.19
C LYS A 224 -7.69 -11.39 15.58
N VAL A 225 -6.70 -11.64 16.47
CA VAL A 225 -6.94 -12.15 17.83
C VAL A 225 -7.70 -11.08 18.66
N ILE A 226 -7.28 -9.80 18.61
CA ILE A 226 -7.94 -8.70 19.36
C ILE A 226 -9.39 -8.50 18.83
N ALA A 227 -9.61 -8.74 17.52
CA ALA A 227 -10.94 -8.65 16.90
C ALA A 227 -11.81 -9.84 17.33
N ASP A 228 -11.24 -11.07 17.37
CA ASP A 228 -11.95 -12.29 17.77
C ASP A 228 -12.45 -12.20 19.22
N HIS A 229 -11.64 -11.62 20.12
CA HIS A 229 -11.99 -11.43 21.52
C HIS A 229 -13.04 -10.32 21.69
N ALA A 230 -13.01 -9.30 20.81
CA ALA A 230 -13.99 -8.21 20.82
C ALA A 230 -15.37 -8.74 20.40
N ALA A 231 -15.39 -9.69 19.44
CA ALA A 231 -16.58 -10.37 18.93
C ALA A 231 -17.29 -11.16 20.03
N GLN A 232 -16.50 -11.67 21.00
CA GLN A 232 -16.98 -12.44 22.15
C GLN A 232 -17.57 -11.53 23.24
N GLY A 233 -17.26 -10.22 23.16
CA GLY A 233 -17.77 -9.21 24.08
C GLY A 233 -16.83 -8.75 25.17
N ASP A 234 -15.50 -9.01 25.00
CA ASP A 234 -14.47 -8.59 25.96
C ASP A 234 -14.39 -7.07 26.02
N ALA A 235 -14.64 -6.49 27.23
CA ALA A 235 -14.66 -5.06 27.51
C ALA A 235 -13.36 -4.34 27.10
N LEU A 236 -12.18 -4.93 27.41
CA LEU A 236 -10.87 -4.37 27.07
C LEU A 236 -10.65 -4.33 25.55
N ALA A 237 -10.89 -5.46 24.85
CA ALA A 237 -10.72 -5.58 23.41
C ALA A 237 -11.62 -4.60 22.64
N LEU A 238 -12.88 -4.41 23.11
CA LEU A 238 -13.84 -3.48 22.52
C LEU A 238 -13.40 -2.02 22.70
N ALA A 239 -12.85 -1.69 23.90
CA ALA A 239 -12.37 -0.35 24.25
C ALA A 239 -11.14 0.04 23.42
N VAL A 240 -10.25 -0.94 23.13
CA VAL A 240 -9.04 -0.74 22.31
C VAL A 240 -9.48 -0.32 20.89
N TRP A 241 -10.40 -1.08 20.26
CA TRP A 241 -10.88 -0.77 18.91
C TRP A 241 -11.66 0.55 18.88
N ALA A 242 -12.41 0.86 19.96
CA ALA A 242 -13.14 2.14 20.07
C ALA A 242 -12.17 3.33 20.08
N ASP A 243 -11.02 3.20 20.78
CA ASP A 243 -10.00 4.25 20.85
C ASP A 243 -9.30 4.41 19.49
N ILE A 244 -8.97 3.27 18.82
CA ILE A 244 -8.35 3.24 17.49
C ILE A 244 -9.30 3.95 16.50
N GLY A 245 -10.60 3.65 16.60
CA GLY A 245 -11.64 4.26 15.77
C GLY A 245 -11.69 5.77 15.87
N THR A 246 -11.67 6.31 17.11
CA THR A 246 -11.65 7.75 17.38
C THR A 246 -10.44 8.40 16.70
N ILE A 247 -9.23 7.78 16.86
CA ILE A 247 -7.99 8.30 16.27
C ILE A 247 -8.11 8.34 14.73
N ILE A 248 -8.57 7.25 14.09
CA ILE A 248 -8.70 7.21 12.61
C ILE A 248 -9.71 8.28 12.15
N GLY A 249 -10.85 8.37 12.86
CA GLY A 249 -11.89 9.36 12.58
C GLY A 249 -11.39 10.79 12.66
N GLU A 250 -10.57 11.10 13.69
CA GLU A 250 -9.99 12.44 13.86
C GLU A 250 -9.06 12.82 12.71
N SER A 251 -8.28 11.85 12.17
CA SER A 251 -7.42 12.13 11.00
C SER A 251 -8.26 12.25 9.73
N LEU A 252 -9.34 11.45 9.61
CA LEU A 252 -10.24 11.53 8.46
C LEU A 252 -10.97 12.89 8.43
N VAL A 253 -11.25 13.48 9.61
CA VAL A 253 -11.84 14.84 9.69
C VAL A 253 -10.93 15.81 8.95
N ASN A 254 -9.62 15.73 9.21
CA ASN A 254 -8.63 16.60 8.56
C ASN A 254 -8.51 16.34 7.06
N ILE A 255 -8.52 15.07 6.63
CA ILE A 255 -8.42 14.70 5.20
C ILE A 255 -9.66 15.24 4.48
N VAL A 256 -10.85 15.03 5.06
CA VAL A 256 -12.10 15.48 4.47
C VAL A 256 -12.12 17.02 4.36
N ARG A 257 -11.66 17.75 5.41
CA ARG A 257 -11.66 19.22 5.35
C ARG A 257 -10.76 19.72 4.24
N VAL A 258 -9.64 19.05 4.01
CA VAL A 258 -8.70 19.48 2.97
C VAL A 258 -9.18 19.10 1.54
N MSE A 259 -9.61 17.83 1.35
CA MSE A 259 -9.95 17.25 0.05
CA MSE A 259 -9.94 17.32 0.02
C MSE A 259 -11.42 17.38 -0.38
O MSE A 259 -11.69 17.28 -1.58
CB MSE A 259 -9.60 15.75 0.04
CB MSE A 259 -9.48 15.86 -0.09
CG MSE A 259 -8.13 15.48 0.35
CG MSE A 259 -8.06 15.64 0.41
SE MSE A 259 -6.98 16.10 -1.07
SE MSE A 259 -7.36 13.92 -0.09
CE MSE A 259 -7.18 14.62 -2.22
CE MSE A 259 -7.01 14.31 -1.92
N ASP A 260 -12.34 17.53 0.57
CA ASP A 260 -13.79 17.54 0.34
C ASP A 260 -14.19 16.26 -0.41
N LEU A 261 -14.03 15.13 0.26
CA LEU A 261 -14.48 13.81 -0.20
C LEU A 261 -15.20 13.20 0.99
N ASN A 262 -16.12 12.27 0.76
CA ASN A 262 -16.81 11.66 1.90
C ASN A 262 -17.13 10.17 1.65
N ASN A 263 -16.42 9.54 0.69
CA ASN A 263 -16.49 8.10 0.46
C ASN A 263 -15.20 7.53 0.95
N ILE A 264 -15.27 6.60 1.91
CA ILE A 264 -14.08 6.04 2.53
C ILE A 264 -14.11 4.52 2.46
N LEU A 265 -13.03 3.93 1.94
CA LEU A 265 -12.84 2.47 1.91
C LEU A 265 -11.72 2.13 2.87
N LEU A 266 -11.95 1.14 3.73
CA LEU A 266 -10.98 0.73 4.73
C LEU A 266 -10.44 -0.67 4.44
N GLY A 267 -9.12 -0.75 4.28
CA GLY A 267 -8.38 -1.98 4.00
C GLY A 267 -7.27 -2.25 5.00
N GLY A 268 -6.45 -3.25 4.71
CA GLY A 268 -5.34 -3.64 5.59
C GLY A 268 -5.75 -4.64 6.64
N GLY A 269 -4.77 -5.15 7.40
CA GLY A 269 -4.97 -6.14 8.45
C GLY A 269 -5.95 -5.75 9.55
N ILE A 270 -5.96 -4.46 9.92
CA ILE A 270 -6.82 -3.92 10.98
C ILE A 270 -8.31 -3.85 10.53
N SER A 271 -8.59 -3.72 9.21
CA SER A 271 -9.95 -3.62 8.64
CA SER A 271 -9.96 -3.59 8.70
C SER A 271 -10.82 -4.84 8.95
N GLY A 272 -10.21 -5.93 9.40
CA GLY A 272 -10.94 -7.15 9.77
C GLY A 272 -11.78 -6.91 11.02
N ALA A 273 -11.41 -5.84 11.77
CA ALA A 273 -12.07 -5.38 13.00
C ALA A 273 -13.00 -4.19 12.71
N PHE A 274 -13.42 -4.04 11.44
CA PHE A 274 -14.28 -2.98 10.91
C PHE A 274 -15.45 -2.66 11.86
N ASP A 275 -16.25 -3.68 12.23
CA ASP A 275 -17.43 -3.51 13.08
C ASP A 275 -17.14 -2.94 14.47
N TYR A 276 -15.90 -3.10 14.98
CA TYR A 276 -15.54 -2.67 16.33
C TYR A 276 -14.89 -1.28 16.38
N PHE A 277 -14.25 -0.80 15.30
CA PHE A 277 -13.65 0.53 15.32
C PHE A 277 -14.44 1.57 14.49
N VAL A 278 -15.23 1.15 13.49
CA VAL A 278 -15.99 2.08 12.63
C VAL A 278 -17.05 2.89 13.44
N PRO A 279 -17.79 2.35 14.45
CA PRO A 279 -18.75 3.22 15.18
C PRO A 279 -18.09 4.49 15.76
N ASN A 280 -16.93 4.37 16.44
CA ASN A 280 -16.26 5.54 17.00
C ASN A 280 -15.61 6.42 15.93
N LEU A 281 -15.22 5.81 14.80
CA LEU A 281 -14.68 6.52 13.64
C LEU A 281 -15.77 7.45 13.11
N LYS A 282 -16.99 6.89 12.88
CA LYS A 282 -18.15 7.62 12.39
CA LYS A 282 -18.17 7.61 12.41
C LYS A 282 -18.54 8.71 13.39
N LYS A 283 -18.51 8.39 14.72
CA LYS A 283 -18.85 9.31 15.80
C LYS A 283 -17.93 10.54 15.76
N ALA A 284 -16.60 10.34 15.61
CA ALA A 284 -15.61 11.42 15.53
C ALA A 284 -15.90 12.33 14.33
N MSE A 285 -16.29 11.74 13.18
CA MSE A 285 -16.60 12.48 11.95
C MSE A 285 -17.88 13.30 12.13
O MSE A 285 -17.90 14.46 11.72
CB MSE A 285 -16.71 11.52 10.77
CG MSE A 285 -15.39 10.83 10.45
SE MSE A 285 -15.43 9.86 8.78
CE MSE A 285 -15.14 11.42 7.64
N LEU A 286 -18.90 12.74 12.77
CA LEU A 286 -20.15 13.46 13.00
C LEU A 286 -19.95 14.59 14.02
N GLU A 287 -19.07 14.39 15.02
CA GLU A 287 -18.77 15.39 16.06
C GLU A 287 -18.08 16.64 15.51
N HIS A 288 -17.15 16.45 14.55
CA HIS A 288 -16.31 17.55 14.05
C HIS A 288 -16.67 18.09 12.66
N LEU A 289 -17.49 17.36 11.88
CA LEU A 289 -17.84 17.82 10.54
C LEU A 289 -19.30 18.22 10.43
N PRO A 290 -19.63 19.30 9.67
CA PRO A 290 -21.05 19.66 9.47
C PRO A 290 -21.75 18.67 8.53
N THR A 291 -23.10 18.77 8.45
CA THR A 291 -23.93 17.87 7.63
C THR A 291 -23.59 17.93 6.13
N TYR A 292 -23.01 19.04 5.64
CA TYR A 292 -22.55 19.16 4.25
C TYR A 292 -21.72 17.92 3.84
N TYR A 293 -20.85 17.45 4.74
CA TYR A 293 -20.01 16.27 4.47
C TYR A 293 -20.64 14.95 4.89
N THR A 294 -21.33 14.92 6.04
CA THR A 294 -21.79 13.67 6.64
C THR A 294 -23.14 13.13 6.10
N ASP A 295 -24.03 13.99 5.55
CA ASP A 295 -25.35 13.53 5.10
C ASP A 295 -25.28 12.39 4.07
N ASP A 296 -24.38 12.46 3.07
CA ASP A 296 -24.29 11.39 2.07
C ASP A 296 -22.94 10.67 2.15
N MSE A 297 -22.32 10.66 3.35
CA MSE A 297 -21.05 9.99 3.64
CA MSE A 297 -21.04 9.99 3.56
C MSE A 297 -21.21 8.46 3.52
O MSE A 297 -22.29 7.95 3.85
CB MSE A 297 -20.58 10.39 5.05
CB MSE A 297 -20.36 10.46 4.86
CG MSE A 297 -19.15 10.00 5.37
CG MSE A 297 -20.93 9.82 6.14
SE MSE A 297 -18.60 10.67 7.11
SE MSE A 297 -19.92 10.26 7.73
CE MSE A 297 -19.70 9.55 8.27
CE MSE A 297 -18.18 9.70 7.14
N TYR A 298 -20.16 7.76 3.10
CA TYR A 298 -20.13 6.31 2.99
C TYR A 298 -18.82 5.78 3.52
N ILE A 299 -18.89 4.80 4.42
CA ILE A 299 -17.72 4.12 4.97
C ILE A 299 -17.90 2.65 4.65
N GLY A 300 -17.06 2.15 3.75
CA GLY A 300 -17.12 0.78 3.29
C GLY A 300 -15.84 0.00 3.54
N LYS A 301 -15.94 -1.31 3.40
CA LYS A 301 -14.80 -2.20 3.56
C LYS A 301 -14.14 -2.42 2.19
N ALA A 302 -12.80 -2.31 2.12
CA ALA A 302 -12.05 -2.59 0.89
C ALA A 302 -11.97 -4.10 0.77
N THR A 303 -12.59 -4.68 -0.26
CA THR A 303 -12.70 -6.14 -0.38
C THR A 303 -11.55 -6.80 -1.14
N LEU A 304 -10.72 -6.02 -1.87
CA LEU A 304 -9.61 -6.62 -2.63
C LEU A 304 -8.45 -7.03 -1.73
N GLU A 305 -8.41 -6.49 -0.50
CA GLU A 305 -7.41 -6.76 0.53
C GLU A 305 -5.99 -6.50 -0.02
N ASN A 306 -5.03 -7.42 0.23
CA ASN A 306 -3.63 -7.30 -0.20
C ASN A 306 -3.40 -7.40 -1.73
N ASP A 307 -4.45 -7.69 -2.52
CA ASP A 307 -4.32 -7.80 -3.98
C ASP A 307 -4.49 -6.45 -4.70
N ALA A 308 -5.08 -5.44 -4.03
CA ALA A 308 -5.37 -4.13 -4.62
C ALA A 308 -4.15 -3.46 -5.25
N GLY A 309 -2.99 -3.52 -4.57
CA GLY A 309 -1.74 -2.92 -5.04
C GLY A 309 -1.28 -3.47 -6.39
N LEU A 310 -1.28 -4.81 -6.52
CA LEU A 310 -0.88 -5.50 -7.74
C LEU A 310 -1.89 -5.23 -8.87
N LEU A 311 -3.20 -5.32 -8.54
CA LEU A 311 -4.28 -5.06 -9.50
C LEU A 311 -4.20 -3.62 -10.03
N GLY A 312 -3.93 -2.67 -9.14
CA GLY A 312 -3.80 -1.26 -9.49
C GLY A 312 -2.57 -0.99 -10.32
N ALA A 313 -1.46 -1.69 -10.01
CA ALA A 313 -0.21 -1.57 -10.78
C ALA A 313 -0.47 -2.01 -12.23
N ALA A 314 -1.16 -3.14 -12.44
CA ALA A 314 -1.55 -3.58 -13.78
C ALA A 314 -2.52 -2.56 -14.41
N GLY A 315 -3.39 -1.98 -13.58
CA GLY A 315 -4.39 -0.97 -13.97
C GLY A 315 -3.79 0.26 -14.62
N LEU A 316 -2.52 0.59 -14.31
CA LEU A 316 -1.78 1.72 -14.89
C LEU A 316 -1.68 1.57 -16.41
N ILE A 317 -1.40 0.34 -16.87
CA ILE A 317 -1.24 -0.03 -18.29
C ILE A 317 -2.60 0.04 -19.03
N MSE A 318 -3.70 -0.32 -18.33
CA MSE A 318 -5.07 -0.29 -18.86
C MSE A 318 -5.53 1.12 -19.24
O MSE A 318 -6.29 1.27 -20.20
CB MSE A 318 -6.04 -0.87 -17.83
CG MSE A 318 -6.01 -2.38 -17.71
SE MSE A 318 -6.90 -3.02 -16.09
CE MSE A 318 -8.71 -2.29 -16.38
N GLU A 319 -5.08 2.16 -18.48
CA GLU A 319 -5.42 3.56 -18.69
C GLU A 319 -4.80 4.10 -19.99
#